data_3Q9V
#
_entry.id   3Q9V
#
_cell.length_a   49.251
_cell.length_b   37.602
_cell.length_c   48.573
_cell.angle_alpha   90.000
_cell.angle_beta   113.920
_cell.angle_gamma   90.000
#
_symmetry.space_group_name_H-M   'P 1 2 1'
#
loop_
_entity.id
_entity.type
_entity.pdbx_description
1 polymer 'DNA-binding response regulator'
2 water water
#
_entity_poly.entity_id   1
_entity_poly.type   'polypeptide(L)'
_entity_poly.pdbx_seq_one_letter_code
;MGSSHHHHHHSSGENLYFEGSHMASMTGGQQMGRSESLSMGDLTLDPQKRLVTYKGEELRLSPKEFDILALLIRQPGRVY
SRQEIGQEIWQGRLPEGSNVVDVHMANLRAKLRDLDGYGLLRTVRGVGYALRG
;
_entity_poly.pdbx_strand_id   A,B
#
# COMPACT_ATOMS: atom_id res chain seq x y z
N GLU A 36 -10.06 0.53 -8.12
CA GLU A 36 -9.52 -0.18 -9.27
C GLU A 36 -8.49 -1.22 -8.82
N SER A 37 -7.82 -1.86 -9.78
CA SER A 37 -6.81 -2.84 -9.45
C SER A 37 -5.43 -2.19 -9.39
N LEU A 38 -4.56 -2.80 -8.61
CA LEU A 38 -3.20 -2.34 -8.43
C LEU A 38 -2.28 -3.39 -9.02
N SER A 39 -1.37 -2.98 -9.89
CA SER A 39 -0.46 -3.91 -10.53
C SER A 39 0.95 -3.67 -10.02
N MET A 40 1.68 -4.76 -9.83
CA MET A 40 3.07 -4.64 -9.40
C MET A 40 3.81 -5.80 -10.06
N GLY A 41 4.71 -5.47 -10.98
CA GLY A 41 5.25 -6.51 -11.83
C GLY A 41 4.10 -7.22 -12.52
N ASP A 42 4.16 -8.55 -12.54
CA ASP A 42 3.12 -9.35 -13.19
C ASP A 42 1.98 -9.68 -12.26
N LEU A 43 1.96 -9.11 -11.07
CA LEU A 43 0.87 -9.29 -10.12
C LEU A 43 -0.15 -8.17 -10.30
N THR A 44 -1.43 -8.54 -10.33
CA THR A 44 -2.48 -7.54 -10.31
C THR A 44 -3.48 -7.93 -9.24
N LEU A 45 -3.74 -7.02 -8.31
CA LEU A 45 -4.57 -7.31 -7.15
C LEU A 45 -5.72 -6.31 -7.08
N ASP A 46 -6.93 -6.82 -6.94
CA ASP A 46 -8.13 -5.99 -6.81
C ASP A 46 -8.81 -6.32 -5.49
N PRO A 47 -8.68 -5.47 -4.47
CA PRO A 47 -9.26 -5.81 -3.15
C PRO A 47 -10.77 -5.95 -3.16
N GLN A 48 -11.47 -5.18 -3.99
CA GLN A 48 -12.92 -5.25 -3.98
C GLN A 48 -13.41 -6.57 -4.56
N LYS A 49 -12.78 -7.03 -5.64
CA LYS A 49 -13.17 -8.31 -6.22
C LYS A 49 -12.52 -9.50 -5.52
N ARG A 50 -11.59 -9.28 -4.59
CA ARG A 50 -10.81 -10.36 -3.99
C ARG A 50 -10.16 -11.18 -5.08
N LEU A 51 -9.63 -10.48 -6.09
CA LEU A 51 -9.04 -11.13 -7.27
C LEU A 51 -7.60 -10.71 -7.39
N VAL A 52 -6.70 -11.68 -7.44
CA VAL A 52 -5.30 -11.37 -7.70
C VAL A 52 -4.81 -12.34 -8.76
N THR A 53 -4.10 -11.81 -9.74
CA THR A 53 -3.57 -12.63 -10.81
C THR A 53 -2.06 -12.50 -10.87
N TYR A 54 -1.42 -13.57 -11.31
CA TYR A 54 0.00 -13.53 -11.66
C TYR A 54 0.11 -13.93 -13.11
N LYS A 55 0.62 -13.01 -13.94
CA LYS A 55 0.68 -13.22 -15.39
C LYS A 55 -0.68 -13.64 -15.93
N GLY A 56 -1.73 -12.97 -15.44
CA GLY A 56 -3.08 -13.16 -15.93
C GLY A 56 -3.81 -14.36 -15.36
N GLU A 57 -3.14 -15.24 -14.63
CA GLU A 57 -3.76 -16.42 -14.06
C GLU A 57 -4.15 -16.16 -12.60
N GLU A 58 -5.33 -16.61 -12.22
CA GLU A 58 -5.82 -16.32 -10.89
CA GLU A 58 -5.82 -16.31 -10.89
C GLU A 58 -5.04 -17.10 -9.84
N LEU A 59 -4.53 -16.37 -8.84
CA LEU A 59 -3.98 -16.97 -7.65
C LEU A 59 -5.14 -17.32 -6.74
N ARG A 60 -5.31 -18.60 -6.43
CA ARG A 60 -6.45 -19.02 -5.63
C ARG A 60 -6.01 -19.04 -4.17
N LEU A 61 -6.08 -17.87 -3.57
CA LEU A 61 -5.62 -17.66 -2.21
C LEU A 61 -6.75 -17.85 -1.23
N SER A 62 -6.39 -18.31 -0.03
CA SER A 62 -7.31 -18.25 1.07
C SER A 62 -7.54 -16.79 1.45
N PRO A 63 -8.59 -16.50 2.20
CA PRO A 63 -8.82 -15.09 2.54
C PRO A 63 -7.67 -14.45 3.28
N LYS A 64 -7.04 -15.15 4.23
CA LYS A 64 -5.93 -14.55 4.96
C LYS A 64 -4.71 -14.43 4.07
N GLU A 65 -4.49 -15.42 3.18
CA GLU A 65 -3.40 -15.31 2.20
C GLU A 65 -3.60 -14.09 1.33
N PHE A 66 -4.81 -13.88 0.85
CA PHE A 66 -5.12 -12.68 0.08
C PHE A 66 -4.83 -11.42 0.90
N ASP A 67 -5.28 -11.38 2.15
CA ASP A 67 -5.07 -10.19 2.97
C ASP A 67 -3.58 -9.92 3.14
N ILE A 68 -2.79 -10.99 3.31
CA ILE A 68 -1.34 -10.83 3.44
C ILE A 68 -0.76 -10.25 2.16
N LEU A 69 -1.12 -10.81 1.02
CA LEU A 69 -0.56 -10.31 -0.23
C LEU A 69 -1.00 -8.88 -0.49
N ALA A 70 -2.24 -8.55 -0.15
CA ALA A 70 -2.70 -7.17 -0.34
C ALA A 70 -1.93 -6.20 0.54
N LEU A 71 -1.46 -6.65 1.69
CA LEU A 71 -0.63 -5.80 2.54
C LEU A 71 0.74 -5.62 1.93
N LEU A 72 1.35 -6.72 1.48
CA LEU A 72 2.74 -6.66 1.05
C LEU A 72 2.88 -5.90 -0.26
N ILE A 73 1.86 -5.94 -1.11
CA ILE A 73 1.94 -5.28 -2.40
C ILE A 73 1.89 -3.76 -2.27
N ARG A 74 1.43 -3.24 -1.13
CA ARG A 74 1.26 -1.81 -0.94
C ARG A 74 2.59 -1.08 -0.97
N GLN A 75 3.65 -1.68 -0.45
CA GLN A 75 4.98 -1.10 -0.45
C GLN A 75 5.92 -2.20 -0.89
N PRO A 76 6.09 -2.38 -2.21
CA PRO A 76 6.89 -3.51 -2.69
C PRO A 76 8.33 -3.40 -2.21
N GLY A 77 8.87 -4.53 -1.77
CA GLY A 77 10.18 -4.58 -1.17
C GLY A 77 10.22 -4.24 0.29
N ARG A 78 9.18 -3.62 0.85
CA ARG A 78 9.15 -3.39 2.28
C ARG A 78 9.08 -4.72 3.00
N VAL A 79 9.92 -4.90 4.01
CA VAL A 79 9.92 -6.12 4.80
C VAL A 79 8.94 -5.96 5.94
N TYR A 80 7.90 -6.78 5.95
CA TYR A 80 6.94 -6.78 7.04
C TYR A 80 7.30 -7.90 8.00
N SER A 81 7.52 -7.55 9.27
CA SER A 81 7.92 -8.57 10.23
C SER A 81 6.74 -9.48 10.54
N ARG A 82 7.04 -10.64 11.14
CA ARG A 82 5.98 -11.54 11.57
C ARG A 82 4.94 -10.82 12.41
N GLN A 83 5.40 -10.04 13.39
CA GLN A 83 4.45 -9.41 14.29
C GLN A 83 3.70 -8.28 13.60
N GLU A 84 4.32 -7.64 12.60
CA GLU A 84 3.58 -6.65 11.81
C GLU A 84 2.45 -7.31 11.03
N ILE A 85 2.75 -8.43 10.38
CA ILE A 85 1.70 -9.17 9.68
C ILE A 85 0.65 -9.68 10.66
N GLY A 86 1.10 -10.20 11.81
CA GLY A 86 0.14 -10.61 12.82
C GLY A 86 -0.76 -9.47 13.28
N GLN A 87 -0.17 -8.28 13.43
CA GLN A 87 -0.96 -7.12 13.84
C GLN A 87 -1.94 -6.69 12.76
N GLU A 88 -1.45 -6.55 11.53
CA GLU A 88 -2.30 -5.99 10.48
C GLU A 88 -3.39 -6.96 10.05
N ILE A 89 -3.08 -8.26 10.04
CA ILE A 89 -3.97 -9.25 9.45
C ILE A 89 -4.75 -10.02 10.50
N TRP A 90 -4.26 -10.10 11.72
CA TRP A 90 -4.97 -10.81 12.78
C TRP A 90 -5.24 -9.95 14.00
N GLN A 91 -4.95 -8.65 13.95
CA GLN A 91 -5.14 -7.75 15.09
C GLN A 91 -4.31 -8.17 16.29
N GLY A 92 -3.19 -8.83 16.04
CA GLY A 92 -2.33 -9.29 17.12
C GLY A 92 -2.88 -10.45 17.91
N ARG A 93 -3.96 -11.07 17.46
CA ARG A 93 -4.64 -12.16 18.18
C ARG A 93 -4.05 -13.51 17.77
N LEU A 94 -2.73 -13.58 17.85
CA LEU A 94 -2.03 -14.83 17.68
C LEU A 94 -1.26 -15.14 18.95
N PRO A 95 -1.31 -16.38 19.41
CA PRO A 95 -0.65 -16.74 20.67
C PRO A 95 0.85 -16.87 20.49
N GLU A 96 1.58 -16.60 21.56
CA GLU A 96 3.04 -16.76 21.54
C GLU A 96 3.37 -18.20 21.17
N GLY A 97 4.33 -18.37 20.26
CA GLY A 97 4.74 -19.67 19.81
C GLY A 97 3.93 -20.21 18.66
N SER A 98 2.94 -19.47 18.16
CA SER A 98 2.20 -19.95 17.02
C SER A 98 3.01 -19.79 15.75
N ASN A 99 2.71 -20.62 14.75
CA ASN A 99 3.37 -20.55 13.45
C ASN A 99 2.44 -19.98 12.39
N VAL A 100 1.39 -19.27 12.82
CA VAL A 100 0.32 -18.88 11.92
C VAL A 100 0.87 -18.06 10.76
N VAL A 101 1.65 -17.03 11.05
CA VAL A 101 2.14 -16.20 9.97
C VAL A 101 3.01 -17.02 9.01
N ASP A 102 3.97 -17.78 9.55
CA ASP A 102 4.89 -18.50 8.68
C ASP A 102 4.17 -19.50 7.81
N VAL A 103 3.21 -20.24 8.37
CA VAL A 103 2.50 -21.24 7.58
C VAL A 103 1.72 -20.58 6.46
N HIS A 104 1.13 -19.41 6.73
CA HIS A 104 0.42 -18.72 5.67
C HIS A 104 1.38 -18.18 4.63
N MET A 105 2.53 -17.69 5.06
CA MET A 105 3.51 -17.21 4.10
C MET A 105 4.01 -18.35 3.23
N ALA A 106 4.23 -19.52 3.83
CA ALA A 106 4.70 -20.66 3.05
C ALA A 106 3.65 -21.08 2.02
N ASN A 107 2.38 -21.08 2.41
CA ASN A 107 1.34 -21.46 1.47
C ASN A 107 1.21 -20.42 0.37
N LEU A 108 1.31 -19.14 0.74
CA LEU A 108 1.29 -18.06 -0.25
C LEU A 108 2.42 -18.24 -1.28
N ARG A 109 3.66 -18.48 -0.81
CA ARG A 109 4.76 -18.64 -1.75
C ARG A 109 4.54 -19.83 -2.67
N ALA A 110 4.04 -20.95 -2.13
CA ALA A 110 3.77 -22.10 -2.98
C ALA A 110 2.80 -21.75 -4.08
N LYS A 111 1.71 -21.06 -3.72
CA LYS A 111 0.74 -20.68 -4.73
C LYS A 111 1.36 -19.77 -5.77
N LEU A 112 2.26 -18.87 -5.35
CA LEU A 112 2.95 -18.03 -6.31
C LEU A 112 3.81 -18.88 -7.25
N ARG A 113 4.59 -19.80 -6.68
CA ARG A 113 5.46 -20.64 -7.51
C ARG A 113 4.65 -21.49 -8.47
N ASP A 114 3.46 -21.93 -8.06
CA ASP A 114 2.62 -22.75 -8.93
C ASP A 114 2.24 -22.01 -10.21
N LEU A 115 2.18 -20.68 -10.17
CA LEU A 115 1.94 -19.86 -11.36
C LEU A 115 3.24 -19.32 -11.97
N ASP A 116 4.38 -19.93 -11.63
CA ASP A 116 5.70 -19.53 -12.11
C ASP A 116 6.16 -18.20 -11.53
N GLY A 117 5.63 -17.83 -10.35
CA GLY A 117 6.03 -16.58 -9.73
C GLY A 117 7.19 -16.81 -8.79
N TYR A 118 8.34 -17.12 -9.35
CA TYR A 118 9.51 -17.46 -8.56
C TYR A 118 10.26 -16.22 -8.13
N GLY A 119 10.75 -16.25 -6.89
CA GLY A 119 11.54 -15.16 -6.35
C GLY A 119 10.76 -13.92 -5.98
N LEU A 120 9.45 -14.01 -5.90
CA LEU A 120 8.70 -12.80 -5.60
C LEU A 120 8.53 -12.59 -4.10
N LEU A 121 8.23 -13.64 -3.36
CA LEU A 121 8.06 -13.53 -1.92
C LEU A 121 9.37 -13.95 -1.27
N ARG A 122 9.99 -13.05 -0.51
CA ARG A 122 11.19 -13.35 0.27
C ARG A 122 10.91 -13.37 1.77
N THR A 123 11.62 -14.27 2.43
CA THR A 123 11.82 -14.29 3.86
C THR A 123 13.16 -13.66 4.23
N VAL A 124 13.10 -12.65 5.10
CA VAL A 124 14.26 -11.83 5.44
C VAL A 124 14.43 -11.86 6.95
N ARG A 125 15.61 -12.27 7.41
CA ARG A 125 15.91 -12.16 8.83
C ARG A 125 16.29 -10.71 9.17
N GLY A 126 15.90 -10.26 10.35
CA GLY A 126 16.05 -8.86 10.67
C GLY A 126 16.05 -8.61 12.16
N VAL A 127 15.90 -7.33 12.50
CA VAL A 127 16.05 -6.85 13.86
C VAL A 127 14.80 -6.08 14.25
N GLY A 128 14.40 -6.21 15.52
CA GLY A 128 13.28 -5.45 16.05
C GLY A 128 13.56 -4.99 17.47
N TYR A 129 12.65 -4.16 17.97
CA TYR A 129 12.80 -3.51 19.26
C TYR A 129 11.48 -3.52 20.00
N ALA A 130 11.52 -3.78 21.31
CA ALA A 130 10.30 -3.77 22.11
C ALA A 130 10.54 -3.04 23.42
N LEU A 131 9.48 -2.42 23.92
CA LEU A 131 9.49 -1.75 25.20
C LEU A 131 8.82 -2.64 26.24
N ARG A 132 9.46 -2.77 27.39
CA ARG A 132 8.89 -3.45 28.54
C ARG A 132 8.69 -2.42 29.65
N GLY A 133 8.12 -2.87 30.77
CA GLY A 133 7.81 -1.94 31.84
C GLY A 133 7.99 -2.47 33.24
N SER B 35 10.10 -3.26 -11.65
CA SER B 35 9.19 -4.28 -11.13
C SER B 35 8.96 -4.09 -9.63
N GLU B 36 9.48 -3.00 -9.09
CA GLU B 36 9.12 -2.53 -7.77
C GLU B 36 8.03 -1.48 -7.82
N SER B 37 7.63 -1.05 -9.00
CA SER B 37 6.70 0.05 -9.14
C SER B 37 5.26 -0.43 -9.09
N LEU B 38 4.39 0.48 -8.66
CA LEU B 38 2.95 0.24 -8.58
C LEU B 38 2.26 0.94 -9.72
N SER B 39 1.28 0.27 -10.31
CA SER B 39 0.52 0.85 -11.40
C SER B 39 -0.96 0.79 -11.09
N MET B 40 -1.60 1.94 -11.17
CA MET B 40 -3.04 2.07 -11.02
C MET B 40 -3.49 2.88 -12.22
N GLY B 41 -4.19 2.23 -13.15
CA GLY B 41 -4.57 2.93 -14.37
C GLY B 41 -3.34 3.48 -15.07
N ASP B 42 -3.41 4.77 -15.43
CA ASP B 42 -2.34 5.45 -16.14
C ASP B 42 -1.29 6.00 -15.20
N LEU B 43 -1.39 5.70 -13.91
CA LEU B 43 -0.42 6.18 -12.94
C LEU B 43 0.53 5.05 -12.58
N THR B 44 1.83 5.36 -12.58
CA THR B 44 2.84 4.40 -12.16
C THR B 44 3.74 5.10 -11.17
N LEU B 45 3.93 4.47 -10.02
CA LEU B 45 4.69 5.07 -8.94
C LEU B 45 5.75 4.06 -8.49
N ASP B 46 6.99 4.49 -8.48
CA ASP B 46 8.09 3.63 -8.05
C ASP B 46 8.61 4.14 -6.71
N PRO B 47 8.40 3.43 -5.61
CA PRO B 47 8.85 3.94 -4.31
C PRO B 47 10.36 3.98 -4.17
N GLN B 48 11.08 3.12 -4.88
CA GLN B 48 12.54 3.06 -4.77
C GLN B 48 13.17 4.24 -5.51
N LYS B 49 12.80 4.43 -6.77
CA LYS B 49 13.31 5.54 -7.55
C LYS B 49 12.64 6.85 -7.20
N ARG B 50 11.55 6.82 -6.43
CA ARG B 50 10.69 7.98 -6.19
C ARG B 50 10.39 8.69 -7.51
N LEU B 51 9.80 7.91 -8.40
CA LEU B 51 9.41 8.32 -9.74
C LEU B 51 7.92 8.05 -9.89
N VAL B 52 7.18 9.03 -10.39
CA VAL B 52 5.77 8.85 -10.72
C VAL B 52 5.57 9.34 -12.14
N THR B 53 4.97 8.50 -12.97
CA THR B 53 4.51 8.97 -14.26
C THR B 53 2.99 8.90 -14.33
N TYR B 54 2.42 9.79 -15.13
CA TYR B 54 1.01 9.71 -15.49
C TYR B 54 0.96 9.78 -17.00
N LYS B 55 0.33 8.79 -17.62
CA LYS B 55 0.32 8.67 -19.07
C LYS B 55 1.74 8.77 -19.64
N GLY B 56 2.68 8.14 -18.95
CA GLY B 56 4.06 7.99 -19.40
C GLY B 56 4.97 9.14 -19.05
N GLU B 57 4.43 10.27 -18.59
CA GLU B 57 5.21 11.46 -18.37
C GLU B 57 5.46 11.65 -16.89
N GLU B 58 6.69 12.00 -16.54
CA GLU B 58 7.07 12.14 -15.15
C GLU B 58 6.42 13.37 -14.53
N LEU B 59 5.85 13.19 -13.35
CA LEU B 59 5.37 14.33 -12.58
C LEU B 59 6.52 14.99 -11.84
N ARG B 60 6.46 16.31 -11.74
CA ARG B 60 7.38 17.08 -10.89
C ARG B 60 6.66 17.33 -9.59
N LEU B 61 7.07 16.63 -8.54
CA LEU B 61 6.37 16.67 -7.27
C LEU B 61 7.31 17.06 -6.15
N SER B 62 6.78 17.77 -5.16
CA SER B 62 7.48 17.96 -3.91
C SER B 62 7.59 16.62 -3.19
N PRO B 63 8.52 16.48 -2.24
CA PRO B 63 8.62 15.18 -1.56
C PRO B 63 7.32 14.73 -0.93
N LYS B 64 6.59 15.64 -0.29
CA LYS B 64 5.37 15.19 0.37
C LYS B 64 4.23 14.97 -0.61
N GLU B 65 4.26 15.65 -1.76
CA GLU B 65 3.29 15.32 -2.83
C GLU B 65 3.52 13.91 -3.36
N PHE B 66 4.78 13.54 -3.59
CA PHE B 66 5.07 12.17 -3.95
C PHE B 66 4.59 11.22 -2.86
N ASP B 67 4.86 11.56 -1.59
CA ASP B 67 4.50 10.66 -0.50
C ASP B 67 2.99 10.51 -0.41
N ILE B 68 2.24 11.57 -0.68
CA ILE B 68 0.79 11.46 -0.69
C ILE B 68 0.36 10.45 -1.74
N LEU B 69 0.87 10.58 -2.95
CA LEU B 69 0.49 9.62 -3.97
C LEU B 69 0.93 8.21 -3.59
N ALA B 70 2.10 8.07 -2.95
CA ALA B 70 2.56 6.73 -2.62
C ALA B 70 1.71 6.11 -1.53
N LEU B 71 1.15 6.93 -0.64
CA LEU B 71 0.19 6.42 0.33
C LEU B 71 -1.12 6.05 -0.33
N LEU B 72 -1.70 6.97 -1.12
CA LEU B 72 -3.03 6.73 -1.65
C LEU B 72 -3.06 5.60 -2.66
N ILE B 73 -1.97 5.40 -3.41
CA ILE B 73 -1.94 4.36 -4.44
C ILE B 73 -1.83 2.97 -3.83
N ARG B 74 -1.48 2.88 -2.54
CA ARG B 74 -1.38 1.58 -1.89
C ARG B 74 -2.68 0.79 -2.03
N GLN B 75 -3.80 1.50 -2.01
CA GLN B 75 -5.12 0.90 -2.10
C GLN B 75 -6.00 1.85 -2.89
N PRO B 76 -6.00 1.77 -4.22
CA PRO B 76 -6.93 2.56 -5.04
C PRO B 76 -8.35 2.60 -4.47
N GLY B 77 -8.95 3.78 -4.35
CA GLY B 77 -10.29 3.88 -3.82
C GLY B 77 -10.41 3.98 -2.31
N ARG B 78 -9.43 3.45 -1.56
CA ARG B 78 -9.41 3.66 -0.12
C ARG B 78 -9.31 5.16 0.18
N VAL B 79 -10.24 5.66 0.99
CA VAL B 79 -10.19 7.07 1.40
C VAL B 79 -9.25 7.18 2.59
N TYR B 80 -8.14 7.89 2.42
CA TYR B 80 -7.23 8.14 3.52
C TYR B 80 -7.61 9.46 4.17
N SER B 81 -7.81 9.44 5.48
CA SER B 81 -8.24 10.65 6.13
C SER B 81 -7.11 11.65 6.18
N ARG B 82 -7.48 12.93 6.29
CA ARG B 82 -6.47 13.96 6.51
C ARG B 82 -5.62 13.63 7.73
N GLN B 83 -6.24 13.12 8.79
CA GLN B 83 -5.49 12.79 9.99
C GLN B 83 -4.47 11.69 9.72
N GLU B 84 -4.81 10.68 8.91
CA GLU B 84 -3.80 9.65 8.72
C GLU B 84 -2.77 10.07 7.67
N ILE B 85 -3.12 10.96 6.76
CA ILE B 85 -2.08 11.59 5.94
C ILE B 85 -1.13 12.37 6.83
N GLY B 86 -1.68 13.13 7.79
CA GLY B 86 -0.83 13.80 8.77
C GLY B 86 0.04 12.84 9.54
N GLN B 87 -0.51 11.70 9.96
CA GLN B 87 0.27 10.74 10.73
C GLN B 87 1.35 10.09 9.88
N GLU B 88 0.97 9.69 8.66
CA GLU B 88 1.86 8.90 7.82
C GLU B 88 2.95 9.75 7.20
N ILE B 89 2.62 10.99 6.83
CA ILE B 89 3.51 11.78 6.03
C ILE B 89 4.08 12.99 6.78
N TRP B 90 3.40 13.47 7.81
CA TRP B 90 3.90 14.57 8.63
C TRP B 90 4.19 14.16 10.06
N GLN B 91 4.40 12.87 10.29
CA GLN B 91 4.75 12.33 11.60
C GLN B 91 3.73 12.69 12.68
N GLY B 92 2.49 12.99 12.27
CA GLY B 92 1.45 13.32 13.22
C GLY B 92 1.60 14.68 13.87
N ARG B 93 2.28 15.61 13.20
CA ARG B 93 2.59 16.91 13.78
C ARG B 93 2.20 18.05 12.85
N LEU B 94 0.95 18.01 12.40
CA LEU B 94 0.40 19.13 11.63
C LEU B 94 -0.38 20.02 12.57
N PRO B 95 0.04 21.27 12.80
CA PRO B 95 -0.72 22.16 13.68
C PRO B 95 -2.08 22.45 13.07
N GLU B 96 -3.09 22.52 13.92
CA GLU B 96 -4.41 22.85 13.43
C GLU B 96 -4.37 24.23 12.77
N GLY B 97 -4.98 24.33 11.61
CA GLY B 97 -4.95 25.55 10.84
C GLY B 97 -3.91 25.58 9.74
N SER B 98 -3.02 24.59 9.68
CA SER B 98 -2.07 24.54 8.57
C SER B 98 -2.80 24.17 7.28
N ASN B 99 -2.45 24.85 6.19
CA ASN B 99 -3.06 24.57 4.90
C ASN B 99 -2.18 23.68 4.03
N VAL B 100 -1.10 23.14 4.59
CA VAL B 100 -0.08 22.55 3.72
C VAL B 100 -0.61 21.31 3.01
N VAL B 101 -1.46 20.52 3.67
CA VAL B 101 -2.06 19.38 2.99
C VAL B 101 -2.95 19.87 1.85
N ASP B 102 -3.78 20.87 2.12
CA ASP B 102 -4.65 21.44 1.11
C ASP B 102 -3.85 21.92 -0.09
N VAL B 103 -2.77 22.65 0.17
CA VAL B 103 -1.98 23.20 -0.93
C VAL B 103 -1.37 22.08 -1.74
N HIS B 104 -0.86 21.04 -1.07
CA HIS B 104 -0.27 19.93 -1.82
C HIS B 104 -1.33 19.19 -2.62
N MET B 105 -2.54 19.02 -2.08
CA MET B 105 -3.58 18.34 -2.84
C MET B 105 -3.96 19.14 -4.08
N ALA B 106 -4.10 20.46 -3.92
CA ALA B 106 -4.36 21.33 -5.06
C ALA B 106 -3.25 21.23 -6.10
N ASN B 107 -2.00 21.19 -5.67
CA ASN B 107 -0.91 21.05 -6.62
C ASN B 107 -0.98 19.71 -7.34
N LEU B 108 -1.27 18.65 -6.61
CA LEU B 108 -1.38 17.34 -7.23
C LEU B 108 -2.45 17.34 -8.30
N ARG B 109 -3.62 17.89 -7.98
CA ARG B 109 -4.70 17.93 -8.95
C ARG B 109 -4.29 18.70 -10.18
N ALA B 110 -3.66 19.86 -9.99
CA ALA B 110 -3.25 20.68 -11.13
C ALA B 110 -2.26 19.92 -12.00
N LYS B 111 -1.28 19.27 -11.38
CA LYS B 111 -0.29 18.54 -12.16
C LYS B 111 -0.91 17.37 -12.92
N LEU B 112 -1.87 16.67 -12.30
CA LEU B 112 -2.56 15.62 -13.03
C LEU B 112 -3.39 16.21 -14.18
N ARG B 113 -4.09 17.31 -13.93
CA ARG B 113 -4.86 17.97 -15.01
C ARG B 113 -3.96 18.36 -16.17
N ASP B 114 -2.75 18.85 -15.87
CA ASP B 114 -1.80 19.21 -16.91
C ASP B 114 -1.49 18.02 -17.81
N LEU B 115 -1.51 16.81 -17.27
CA LEU B 115 -1.24 15.59 -18.03
C LEU B 115 -2.52 14.88 -18.45
N ASP B 116 -3.65 15.59 -18.51
CA ASP B 116 -4.92 15.03 -18.93
C ASP B 116 -5.45 14.02 -17.89
N GLY B 117 -5.23 14.32 -16.62
CA GLY B 117 -5.71 13.46 -15.56
C GLY B 117 -6.74 14.15 -14.70
N TYR B 118 -8.01 13.83 -14.92
CA TYR B 118 -9.13 14.48 -14.24
C TYR B 118 -9.86 13.49 -13.36
N GLY B 119 -10.31 13.96 -12.20
CA GLY B 119 -11.09 13.11 -11.32
C GLY B 119 -10.29 12.01 -10.67
N LEU B 120 -8.96 12.10 -10.70
CA LEU B 120 -8.11 11.07 -10.13
C LEU B 120 -8.03 11.20 -8.61
N LEU B 121 -7.93 12.42 -8.10
CA LEU B 121 -7.78 12.68 -6.67
C LEU B 121 -9.08 13.28 -6.12
N ARG B 122 -9.74 12.53 -5.24
CA ARG B 122 -11.05 12.88 -4.68
C ARG B 122 -10.91 13.33 -3.24
N THR B 123 -11.60 14.42 -2.88
CA THR B 123 -11.72 14.86 -1.50
C THR B 123 -13.14 14.56 -1.04
N VAL B 124 -13.29 13.81 0.06
CA VAL B 124 -14.60 13.37 0.54
C VAL B 124 -14.69 13.53 2.04
N ARG B 125 -15.85 13.96 2.51
CA ARG B 125 -16.09 14.05 3.94
C ARG B 125 -16.43 12.68 4.51
N GLY B 126 -16.07 12.49 5.78
CA GLY B 126 -16.29 11.21 6.39
C GLY B 126 -16.38 11.33 7.90
N VAL B 127 -16.31 10.18 8.54
CA VAL B 127 -16.51 10.10 9.99
C VAL B 127 -15.32 9.36 10.59
N GLY B 128 -14.86 9.83 11.74
CA GLY B 128 -13.82 9.15 12.47
C GLY B 128 -14.15 9.13 13.94
N TYR B 129 -13.34 8.38 14.66
CA TYR B 129 -13.53 8.16 16.08
C TYR B 129 -12.23 8.37 16.81
N ALA B 130 -12.29 9.01 17.97
CA ALA B 130 -11.10 9.26 18.77
C ALA B 130 -11.39 8.91 20.22
N LEU B 131 -10.37 8.38 20.88
CA LEU B 131 -10.46 8.02 22.28
C LEU B 131 -9.61 8.98 23.10
N ARG B 132 -10.23 9.62 24.09
CA ARG B 132 -9.50 10.43 25.05
C ARG B 132 -9.65 9.85 26.45
N GLY B 133 -8.77 10.25 27.34
CA GLY B 133 -8.86 9.86 28.73
C GLY B 133 -9.53 10.95 29.54
#